data_8H3K
#
_entry.id   8H3K
#
_cell.length_a   55.543
_cell.length_b   98.875
_cell.length_c   58.991
_cell.angle_alpha   90.000
_cell.angle_beta   108.000
_cell.angle_gamma   90.000
#
_symmetry.space_group_name_H-M   'P 1 21 1'
#
loop_
_entity.id
_entity.type
_entity.pdbx_description
1 polymer '3C-like proteinase nsp5'
2 non-polymer 6-[(6-chloranyl-2-methyl-indazol-5-yl)amino]-3-[(1-methyl-1,2,4-triazol-3-yl)methyl]-1-[[2,4,5-tris(fluoranyl)phenyl]methyl]-1,3,5-triazine-2,4-dione
3 non-polymer 3-(4-AMINO-2-METHYL-PYRIMIDIN-5-YLMETHYL)-5-(2-HYDROXY-ETHYL)-4-METHYL-THIAZOL-3-IUM
4 non-polymer GLYCEROL
5 water water
#
_entity_poly.entity_id   1
_entity_poly.type   'polypeptide(L)'
_entity_poly.pdbx_seq_one_letter_code
;SGFRKMAFPSGKVEGCMVQVTCGTTTLNGLWLDDVVYCPRHVICTSEDMFNPNYEDLLIRKSNHNFLVQAGNVQLRVIGH
SMQNCVLKLKVDTANPKTPKYKFVRIQPGQTFSVLACYNGSPSGVYQCAMRPNFTIKGSFLNGSCGSVGFNIDYDCVSFC
YMHHMVLPTGVHAGTDLEGNFYGPFVDRQTAQAAGTDTTITVNVLAWLYAAVINGDRWFLNRFTTTLNDFNLVAMKYNYE
PLTQDHVDILGPLSAQTGIAVLDMCASLKELLQNGMNGRTILGSALLEDEFTPFDVVRQCSGVTFQ
;
_entity_poly.pdbx_strand_id   A,B
#
# COMPACT_ATOMS: atom_id res chain seq x y z
N SER A 1 8.26 9.88 -10.83
CA SER A 1 9.32 8.88 -10.76
C SER A 1 9.05 7.81 -9.71
N GLY A 2 9.53 6.59 -9.98
CA GLY A 2 9.21 5.44 -9.17
C GLY A 2 7.90 4.81 -9.57
N PHE A 3 7.67 3.61 -9.05
CA PHE A 3 6.45 2.87 -9.37
C PHE A 3 6.18 1.89 -8.25
N ARG A 4 5.04 2.04 -7.58
CA ARG A 4 4.72 1.18 -6.45
CA ARG A 4 4.71 1.20 -6.44
C ARG A 4 3.24 0.85 -6.47
N LYS A 5 2.90 -0.27 -5.82
CA LYS A 5 1.51 -0.59 -5.60
C LYS A 5 0.89 0.51 -4.76
N MET A 6 -0.02 1.26 -5.34
CA MET A 6 -0.68 2.36 -4.66
C MET A 6 -2.18 2.14 -4.51
N ALA A 7 -2.67 2.34 -3.30
CA ALA A 7 -4.10 2.26 -2.99
C ALA A 7 -4.68 3.67 -2.91
N PHE A 8 -5.99 3.77 -3.14
CA PHE A 8 -6.66 5.04 -2.91
C PHE A 8 -6.61 5.40 -1.44
N PRO A 9 -6.57 6.69 -1.12
CA PRO A 9 -6.70 7.10 0.28
C PRO A 9 -7.99 6.55 0.86
N SER A 10 -7.91 6.01 2.08
CA SER A 10 -8.99 5.18 2.59
C SER A 10 -9.92 5.94 3.53
N GLY A 11 -9.68 7.23 3.76
CA GLY A 11 -10.45 7.96 4.76
C GLY A 11 -11.96 7.88 4.56
N LYS A 12 -12.41 8.03 3.32
CA LYS A 12 -13.87 8.05 3.09
C LYS A 12 -14.51 6.74 3.47
N VAL A 13 -13.76 5.63 3.44
CA VAL A 13 -14.29 4.32 3.78
C VAL A 13 -14.14 4.03 5.27
N GLU A 14 -13.02 4.48 5.87
CA GLU A 14 -12.81 4.30 7.31
C GLU A 14 -13.99 4.83 8.10
N GLY A 15 -14.55 5.96 7.70
CA GLY A 15 -15.68 6.54 8.41
C GLY A 15 -16.96 5.73 8.32
N CYS A 16 -16.93 4.62 7.57
CA CYS A 16 -18.11 3.80 7.33
C CYS A 16 -18.03 2.42 7.98
N MET A 17 -16.89 2.00 8.50
CA MET A 17 -16.73 0.68 9.09
C MET A 17 -17.31 0.59 10.50
N VAL A 18 -18.04 -0.48 10.76
CA VAL A 18 -18.60 -0.77 12.07
C VAL A 18 -18.44 -2.26 12.35
N GLN A 19 -18.72 -2.64 13.59
CA GLN A 19 -18.74 -4.02 14.02
C GLN A 19 -20.17 -4.50 14.11
N VAL A 20 -20.43 -5.72 13.62
CA VAL A 20 -21.74 -6.37 13.70
C VAL A 20 -21.57 -7.73 14.39
N THR A 21 -22.47 -8.03 15.34
CA THR A 21 -22.37 -9.23 16.15
C THR A 21 -23.75 -9.85 16.32
N CYS A 22 -23.81 -11.17 16.16
CA CYS A 22 -25.00 -11.97 16.42
CA CYS A 22 -25.01 -11.97 16.43
C CYS A 22 -24.57 -13.14 17.31
N GLY A 23 -25.06 -13.18 18.53
CA GLY A 23 -24.60 -14.21 19.44
C GLY A 23 -23.13 -14.00 19.72
N THR A 24 -22.29 -14.99 19.45
CA THR A 24 -20.85 -14.80 19.57
C THR A 24 -20.16 -14.54 18.23
N THR A 25 -20.90 -14.63 17.13
CA THR A 25 -20.31 -14.43 15.81
C THR A 25 -20.20 -12.93 15.50
N THR A 26 -19.01 -12.49 15.05
CA THR A 26 -18.78 -11.07 14.83
C THR A 26 -17.91 -10.85 13.60
N LEU A 27 -18.18 -9.77 12.87
CA LEU A 27 -17.43 -9.38 11.67
C LEU A 27 -17.62 -7.89 11.45
N ASN A 28 -17.16 -7.40 10.30
CA ASN A 28 -17.19 -5.99 9.95
C ASN A 28 -18.42 -5.67 9.10
N GLY A 29 -18.98 -4.48 9.29
CA GLY A 29 -20.03 -3.98 8.42
C GLY A 29 -19.71 -2.62 7.84
N LEU A 30 -20.44 -2.28 6.78
CA LEU A 30 -20.29 -1.02 6.04
C LEU A 30 -21.56 -0.20 6.27
N TRP A 31 -21.40 0.93 6.97
CA TRP A 31 -22.53 1.83 7.34
C TRP A 31 -22.65 2.99 6.36
N LEU A 32 -23.67 2.92 5.52
CA LEU A 32 -23.91 3.97 4.53
C LEU A 32 -25.33 4.49 4.76
N ASP A 33 -25.45 5.78 5.03
CA ASP A 33 -26.74 6.40 5.37
C ASP A 33 -27.30 5.65 6.58
N ASP A 34 -28.52 5.12 6.51
CA ASP A 34 -29.11 4.41 7.64
C ASP A 34 -29.14 2.90 7.44
N VAL A 35 -28.22 2.37 6.64
CA VAL A 35 -28.12 0.93 6.38
C VAL A 35 -26.70 0.45 6.65
N VAL A 36 -26.58 -0.67 7.35
CA VAL A 36 -25.31 -1.37 7.53
C VAL A 36 -25.34 -2.63 6.67
N TYR A 37 -24.34 -2.79 5.81
CA TYR A 37 -24.20 -3.95 4.94
C TYR A 37 -23.08 -4.84 5.49
N CYS A 38 -23.31 -6.14 5.52
CA CYS A 38 -22.29 -7.03 6.04
C CYS A 38 -22.55 -8.44 5.51
N PRO A 39 -21.57 -9.33 5.56
CA PRO A 39 -21.81 -10.71 5.13
C PRO A 39 -22.88 -11.35 5.97
N ARG A 40 -23.81 -12.06 5.32
CA ARG A 40 -24.86 -12.72 6.09
C ARG A 40 -24.36 -13.88 6.95
N HIS A 41 -23.13 -14.35 6.70
CA HIS A 41 -22.54 -15.39 7.53
C HIS A 41 -22.58 -15.05 9.01
N VAL A 42 -22.68 -13.76 9.36
CA VAL A 42 -22.70 -13.36 10.77
C VAL A 42 -23.87 -14.00 11.52
N ILE A 43 -24.95 -14.38 10.82
CA ILE A 43 -26.07 -15.01 11.52
C ILE A 43 -25.82 -16.48 11.81
N CYS A 44 -24.68 -17.03 11.40
CA CYS A 44 -24.34 -18.42 11.71
C CYS A 44 -23.77 -18.54 13.11
N THR A 45 -24.11 -19.66 13.74
CA THR A 45 -23.47 -20.04 15.01
C THR A 45 -22.37 -20.99 14.58
N SER A 46 -21.47 -21.30 15.49
CA SER A 46 -20.44 -22.29 15.21
C SER A 46 -21.01 -23.53 14.54
N GLU A 47 -22.21 -23.98 14.93
CA GLU A 47 -22.69 -25.20 14.29
C GLU A 47 -23.31 -24.94 12.92
N ASP A 48 -23.68 -23.70 12.61
CA ASP A 48 -24.34 -23.39 11.33
C ASP A 48 -23.35 -23.18 10.20
N MET A 49 -22.14 -22.71 10.53
CA MET A 49 -21.18 -22.25 9.48
C MET A 49 -20.89 -23.29 8.41
N PHE A 50 -20.95 -24.57 8.74
CA PHE A 50 -20.53 -25.56 7.75
C PHE A 50 -21.52 -25.66 6.60
N ASN A 51 -22.82 -25.64 6.90
CA ASN A 51 -23.86 -25.83 5.88
C ASN A 51 -25.11 -25.06 6.28
N PRO A 52 -25.05 -23.72 6.24
CA PRO A 52 -26.16 -22.92 6.73
C PRO A 52 -27.34 -22.89 5.75
N ASN A 53 -28.54 -22.96 6.29
CA ASN A 53 -29.73 -22.57 5.54
C ASN A 53 -30.04 -21.15 5.97
N TYR A 54 -29.64 -20.18 5.15
CA TYR A 54 -29.69 -18.78 5.59
C TYR A 54 -31.12 -18.26 5.76
N GLU A 55 -32.04 -18.64 4.87
CA GLU A 55 -33.41 -18.15 5.02
C GLU A 55 -34.02 -18.66 6.32
N ASP A 56 -33.76 -19.93 6.67
CA ASP A 56 -34.18 -20.49 7.95
C ASP A 56 -33.59 -19.71 9.11
N LEU A 57 -32.28 -19.49 9.08
CA LEU A 57 -31.61 -18.83 10.19
C LEU A 57 -32.10 -17.42 10.34
N LEU A 58 -32.34 -16.73 9.22
CA LEU A 58 -32.73 -15.33 9.28
C LEU A 58 -34.15 -15.16 9.80
N ILE A 59 -35.07 -16.04 9.40
CA ILE A 59 -36.46 -15.87 9.82
C ILE A 59 -36.57 -15.99 11.34
N ARG A 60 -35.65 -16.72 11.96
CA ARG A 60 -35.62 -16.92 13.40
C ARG A 60 -34.95 -15.79 14.14
N LYS A 61 -34.55 -14.78 13.41
CA LYS A 61 -33.83 -13.65 14.03
C LYS A 61 -34.74 -12.44 14.16
N SER A 62 -34.59 -11.70 15.26
CA SER A 62 -35.26 -10.43 15.45
C SER A 62 -34.24 -9.30 15.36
N ASN A 63 -34.75 -8.07 15.26
CA ASN A 63 -33.85 -6.91 15.17
C ASN A 63 -32.87 -6.87 16.33
N HIS A 64 -33.33 -7.18 17.54
CA HIS A 64 -32.46 -7.08 18.70
C HIS A 64 -31.44 -8.20 18.78
N ASN A 65 -31.46 -9.17 17.86
CA ASN A 65 -30.39 -10.15 17.84
C ASN A 65 -29.13 -9.62 17.16
N PHE A 66 -29.22 -8.45 16.52
CA PHE A 66 -28.07 -7.82 15.86
C PHE A 66 -27.56 -6.69 16.72
N LEU A 67 -26.29 -6.76 17.10
CA LEU A 67 -25.63 -5.71 17.84
C LEU A 67 -24.63 -5.04 16.91
N VAL A 68 -24.85 -3.76 16.64
CA VAL A 68 -24.02 -2.97 15.73
C VAL A 68 -23.32 -1.90 16.56
N GLN A 69 -21.99 -1.88 16.51
CA GLN A 69 -21.20 -0.92 17.28
C GLN A 69 -20.39 -0.07 16.32
N ALA A 70 -20.54 1.25 16.42
CA ALA A 70 -19.72 2.20 15.67
C ALA A 70 -18.81 2.89 16.69
N GLY A 71 -17.53 2.55 16.66
CA GLY A 71 -16.69 2.98 17.76
C GLY A 71 -17.25 2.41 19.04
N ASN A 72 -17.53 3.28 20.01
CA ASN A 72 -18.17 2.89 21.25
C ASN A 72 -19.67 3.16 21.28
N VAL A 73 -20.24 3.71 20.21
CA VAL A 73 -21.67 3.91 20.13
C VAL A 73 -22.32 2.62 19.63
N GLN A 74 -23.42 2.22 20.27
CA GLN A 74 -24.23 1.11 19.79
C GLN A 74 -25.32 1.69 18.90
N LEU A 75 -25.54 1.09 17.73
CA LEU A 75 -26.58 1.56 16.83
C LEU A 75 -27.76 0.60 16.90
N ARG A 76 -28.96 1.18 16.95
CA ARG A 76 -30.18 0.39 17.14
C ARG A 76 -30.68 -0.10 15.80
N VAL A 77 -30.84 -1.42 15.66
CA VAL A 77 -31.36 -1.99 14.43
C VAL A 77 -32.89 -1.95 14.47
N ILE A 78 -33.49 -1.39 13.43
CA ILE A 78 -34.94 -1.25 13.31
C ILE A 78 -35.50 -1.98 12.09
N GLY A 79 -34.67 -2.66 11.34
CA GLY A 79 -35.14 -3.53 10.27
C GLY A 79 -33.98 -4.34 9.74
N HIS A 80 -34.31 -5.46 9.10
CA HIS A 80 -33.27 -6.32 8.56
C HIS A 80 -33.78 -7.05 7.35
N SER A 81 -32.92 -7.20 6.34
CA SER A 81 -33.24 -7.97 5.16
C SER A 81 -31.95 -8.59 4.63
N MET A 82 -32.13 -9.47 3.65
CA MET A 82 -31.08 -10.20 3.00
C MET A 82 -31.15 -9.94 1.51
N GLN A 83 -30.03 -9.57 0.91
CA GLN A 83 -29.91 -9.52 -0.54
C GLN A 83 -28.74 -10.44 -0.91
N ASN A 84 -29.07 -11.63 -1.41
CA ASN A 84 -28.08 -12.65 -1.77
C ASN A 84 -27.21 -12.90 -0.53
N CYS A 85 -25.89 -12.81 -0.60
CA CYS A 85 -25.08 -13.10 0.57
C CYS A 85 -24.81 -11.89 1.45
N VAL A 86 -25.52 -10.78 1.24
CA VAL A 86 -25.34 -9.57 2.05
C VAL A 86 -26.56 -9.35 2.93
N LEU A 87 -26.30 -9.18 4.22
CA LEU A 87 -27.30 -8.76 5.19
C LEU A 87 -27.35 -7.24 5.23
N LYS A 88 -28.57 -6.68 5.22
CA LYS A 88 -28.81 -5.25 5.27
C LYS A 88 -29.56 -4.91 6.55
N LEU A 89 -28.87 -4.23 7.47
CA LEU A 89 -29.45 -3.84 8.76
C LEU A 89 -29.86 -2.38 8.69
N LYS A 90 -31.16 -2.11 8.81
CA LYS A 90 -31.61 -0.73 8.86
C LYS A 90 -31.41 -0.23 10.29
N VAL A 91 -30.82 0.94 10.43
CA VAL A 91 -30.55 1.48 11.76
C VAL A 91 -31.28 2.80 11.88
N ASP A 92 -31.47 3.25 13.13
CA ASP A 92 -32.22 4.48 13.35
C ASP A 92 -31.37 5.72 13.19
N THR A 93 -30.11 5.59 12.79
CA THR A 93 -29.19 6.72 12.71
C THR A 93 -28.50 6.72 11.36
N ALA A 94 -28.48 7.87 10.69
CA ALA A 94 -27.74 8.01 9.45
C ALA A 94 -26.29 8.32 9.76
N ASN A 95 -25.39 7.66 9.04
CA ASN A 95 -23.96 7.94 9.20
C ASN A 95 -23.65 9.31 8.61
N PRO A 96 -23.27 10.31 9.41
CA PRO A 96 -22.96 11.62 8.84
C PRO A 96 -21.72 11.61 7.97
N LYS A 97 -20.87 10.60 8.13
CA LYS A 97 -19.65 10.49 7.35
C LYS A 97 -19.83 9.74 6.04
N THR A 98 -21.06 9.37 5.70
CA THR A 98 -21.35 8.70 4.43
C THR A 98 -20.81 9.52 3.26
N PRO A 99 -19.96 8.95 2.42
CA PRO A 99 -19.49 9.67 1.23
C PRO A 99 -20.47 9.46 0.08
N LYS A 100 -20.29 10.26 -0.97
CA LYS A 100 -20.91 9.93 -2.23
C LYS A 100 -20.43 8.55 -2.66
N TYR A 101 -21.35 7.65 -2.97
CA TYR A 101 -20.93 6.27 -3.24
C TYR A 101 -21.78 5.63 -4.33
N LYS A 102 -21.22 4.55 -4.90
CA LYS A 102 -21.89 3.67 -5.85
C LYS A 102 -21.50 2.24 -5.50
N PHE A 103 -22.38 1.29 -5.83
CA PHE A 103 -22.03 -0.13 -5.81
C PHE A 103 -21.78 -0.57 -7.24
N VAL A 104 -20.61 -1.14 -7.51
CA VAL A 104 -20.30 -1.63 -8.86
C VAL A 104 -19.78 -3.05 -8.77
N ARG A 105 -19.96 -3.80 -9.85
CA ARG A 105 -19.37 -5.12 -9.97
C ARG A 105 -18.21 -5.03 -10.94
N ILE A 106 -17.02 -5.32 -10.46
CA ILE A 106 -15.85 -5.13 -11.29
C ILE A 106 -15.59 -6.37 -12.11
N GLN A 107 -14.84 -6.18 -13.20
CA GLN A 107 -14.42 -7.16 -14.18
C GLN A 107 -13.08 -7.77 -13.79
N PRO A 108 -12.86 -9.04 -14.12
CA PRO A 108 -11.55 -9.65 -13.88
C PRO A 108 -10.46 -8.82 -14.54
N GLY A 109 -9.31 -8.76 -13.87
CA GLY A 109 -8.17 -7.96 -14.34
C GLY A 109 -8.17 -6.53 -13.85
N GLN A 110 -9.29 -6.05 -13.32
CA GLN A 110 -9.37 -4.69 -12.79
CA GLN A 110 -9.35 -4.69 -12.79
C GLN A 110 -8.88 -4.67 -11.34
N THR A 111 -8.39 -3.52 -10.91
CA THR A 111 -7.84 -3.40 -9.58
C THR A 111 -8.76 -2.58 -8.66
N PHE A 112 -8.51 -2.72 -7.37
CA PHE A 112 -9.24 -1.95 -6.37
C PHE A 112 -8.42 -1.92 -5.09
N SER A 113 -8.82 -1.01 -4.22
CA SER A 113 -8.17 -0.89 -2.90
C SER A 113 -8.98 -1.64 -1.86
N VAL A 114 -8.29 -2.34 -0.98
CA VAL A 114 -8.91 -3.10 0.10
C VAL A 114 -8.57 -2.41 1.41
N LEU A 115 -9.60 -2.12 2.20
CA LEU A 115 -9.40 -1.63 3.56
C LEU A 115 -9.65 -2.81 4.49
N ALA A 116 -8.56 -3.44 4.93
CA ALA A 116 -8.65 -4.56 5.84
C ALA A 116 -9.00 -4.07 7.22
N CYS A 117 -10.01 -4.68 7.84
CA CYS A 117 -10.53 -4.24 9.13
C CYS A 117 -10.70 -5.43 10.06
N TYR A 118 -10.67 -5.15 11.36
CA TYR A 118 -10.84 -6.18 12.39
C TYR A 118 -11.72 -5.61 13.49
N ASN A 119 -12.83 -6.31 13.80
CA ASN A 119 -13.78 -5.80 14.81
C ASN A 119 -14.23 -4.38 14.50
N GLY A 120 -14.50 -4.12 13.22
CA GLY A 120 -14.97 -2.80 12.85
C GLY A 120 -13.91 -1.72 12.85
N SER A 121 -12.62 -2.04 13.11
CA SER A 121 -11.55 -1.03 13.08
C SER A 121 -10.62 -1.22 11.89
N PRO A 122 -10.43 -0.18 11.08
CA PRO A 122 -9.55 -0.29 9.91
C PRO A 122 -8.12 -0.54 10.33
N SER A 123 -7.49 -1.49 9.65
CA SER A 123 -6.17 -1.99 10.00
C SER A 123 -5.11 -1.69 8.95
N GLY A 124 -5.43 -1.79 7.68
CA GLY A 124 -4.45 -1.51 6.64
C GLY A 124 -5.13 -1.38 5.31
N VAL A 125 -4.41 -0.83 4.35
CA VAL A 125 -4.98 -0.62 3.02
C VAL A 125 -3.94 -1.05 1.99
N TYR A 126 -4.42 -1.65 0.90
CA TYR A 126 -3.51 -2.12 -0.13
C TYR A 126 -4.33 -2.39 -1.39
N GLN A 127 -3.62 -2.49 -2.51
CA GLN A 127 -4.23 -2.68 -3.81
CA GLN A 127 -4.25 -2.68 -3.81
C GLN A 127 -4.22 -4.16 -4.17
N CYS A 128 -5.31 -4.64 -4.79
CA CYS A 128 -5.51 -6.00 -5.25
CA CYS A 128 -5.25 -5.95 -5.39
C CYS A 128 -6.09 -5.97 -6.66
N ALA A 129 -6.05 -7.10 -7.34
CA ALA A 129 -6.75 -7.25 -8.62
C ALA A 129 -7.75 -8.39 -8.48
N MET A 130 -8.86 -8.26 -9.20
CA MET A 130 -9.78 -9.39 -9.37
C MET A 130 -9.13 -10.36 -10.36
N ARG A 131 -8.73 -11.54 -9.88
CA ARG A 131 -8.05 -12.50 -10.75
C ARG A 131 -9.02 -13.04 -11.80
N PRO A 132 -8.49 -13.54 -12.93
CA PRO A 132 -9.37 -14.14 -13.93
C PRO A 132 -10.22 -15.26 -13.38
N ASN A 133 -9.75 -15.99 -12.36
CA ASN A 133 -10.56 -17.04 -11.77
C ASN A 133 -11.41 -16.53 -10.60
N PHE A 134 -11.59 -15.23 -10.51
CA PHE A 134 -12.52 -14.60 -9.53
C PHE A 134 -12.05 -14.71 -8.06
N THR A 135 -10.79 -15.05 -7.84
CA THR A 135 -10.27 -14.94 -6.48
C THR A 135 -9.51 -13.63 -6.36
N ILE A 136 -9.10 -13.28 -5.15
CA ILE A 136 -8.18 -12.17 -4.98
C ILE A 136 -7.05 -12.63 -4.06
N LYS A 137 -5.86 -12.11 -4.30
CA LYS A 137 -4.70 -12.45 -3.49
C LYS A 137 -4.51 -11.29 -2.53
N GLY A 138 -5.23 -11.35 -1.41
CA GLY A 138 -5.20 -10.30 -0.42
C GLY A 138 -4.37 -10.68 0.77
N SER A 139 -4.41 -9.79 1.76
CA SER A 139 -3.77 -9.99 3.05
CA SER A 139 -3.77 -10.00 3.05
C SER A 139 -4.87 -9.81 4.09
N PHE A 140 -5.34 -10.92 4.63
CA PHE A 140 -6.46 -10.95 5.55
C PHE A 140 -6.18 -11.96 6.64
N LEU A 141 -6.52 -11.60 7.87
CA LEU A 141 -6.46 -12.50 9.01
C LEU A 141 -7.88 -12.87 9.45
N ASN A 142 -7.96 -13.75 10.44
CA ASN A 142 -9.23 -13.98 11.13
C ASN A 142 -9.84 -12.66 11.55
N GLY A 143 -11.15 -12.53 11.40
CA GLY A 143 -11.84 -11.32 11.78
C GLY A 143 -11.96 -10.28 10.69
N SER A 144 -11.44 -10.56 9.50
CA SER A 144 -11.46 -9.61 8.40
C SER A 144 -12.73 -9.69 7.56
N CYS A 145 -13.58 -10.70 7.80
CA CYS A 145 -14.83 -10.84 7.07
C CYS A 145 -15.61 -9.53 7.10
N GLY A 146 -16.12 -9.11 5.94
CA GLY A 146 -16.82 -7.85 5.84
C GLY A 146 -15.95 -6.67 5.44
N SER A 147 -14.62 -6.82 5.41
CA SER A 147 -13.76 -5.76 4.86
C SER A 147 -14.16 -5.49 3.40
N VAL A 148 -13.98 -4.25 2.95
CA VAL A 148 -14.48 -3.94 1.61
C VAL A 148 -13.36 -3.46 0.71
N GLY A 149 -13.63 -3.62 -0.59
CA GLY A 149 -12.74 -3.11 -1.63
C GLY A 149 -13.45 -2.00 -2.39
N PHE A 150 -12.69 -1.09 -2.99
CA PHE A 150 -13.31 0.10 -3.56
C PHE A 150 -12.32 0.81 -4.47
N ASN A 151 -12.85 1.66 -5.33
CA ASN A 151 -12.10 2.65 -6.08
C ASN A 151 -12.72 4.01 -5.81
N ILE A 152 -11.93 5.08 -5.99
CA ILE A 152 -12.44 6.42 -5.81
C ILE A 152 -12.23 7.19 -7.11
N ASP A 153 -13.26 7.91 -7.54
CA ASP A 153 -13.18 8.72 -8.75
C ASP A 153 -13.89 10.04 -8.46
N TYR A 154 -13.11 11.11 -8.31
CA TYR A 154 -13.63 12.45 -8.06
C TYR A 154 -14.65 12.43 -6.91
N ASP A 155 -14.17 12.03 -5.75
CA ASP A 155 -14.90 12.04 -4.48
C ASP A 155 -16.11 11.11 -4.44
N CYS A 156 -16.27 10.21 -5.41
CA CYS A 156 -17.30 9.16 -5.35
C CYS A 156 -16.62 7.81 -5.11
N VAL A 157 -17.00 7.14 -4.01
CA VAL A 157 -16.46 5.82 -3.70
C VAL A 157 -17.31 4.79 -4.42
N SER A 158 -16.69 4.00 -5.28
CA SER A 158 -17.37 2.86 -5.90
C SER A 158 -16.95 1.60 -5.16
N PHE A 159 -17.85 1.07 -4.35
CA PHE A 159 -17.58 -0.17 -3.63
C PHE A 159 -17.77 -1.36 -4.57
N CYS A 160 -16.78 -2.25 -4.63
CA CYS A 160 -16.88 -3.38 -5.56
C CYS A 160 -16.70 -4.75 -4.91
N TYR A 161 -16.23 -4.82 -3.68
CA TYR A 161 -15.88 -6.10 -3.08
C TYR A 161 -16.23 -6.07 -1.59
N MET A 162 -16.80 -7.17 -1.10
CA MET A 162 -16.91 -7.32 0.34
C MET A 162 -16.31 -8.70 0.65
N HIS A 163 -15.39 -8.74 1.58
CA HIS A 163 -14.61 -9.95 1.80
C HIS A 163 -15.43 -10.99 2.56
N HIS A 164 -15.41 -12.25 2.11
CA HIS A 164 -16.09 -13.30 2.89
C HIS A 164 -15.13 -14.34 3.47
N MET A 165 -14.32 -15.00 2.65
CA MET A 165 -13.60 -16.14 3.20
C MET A 165 -12.25 -16.34 2.54
N VAL A 166 -11.48 -17.23 3.17
CA VAL A 166 -10.17 -17.64 2.69
C VAL A 166 -10.29 -19.06 2.15
N LEU A 167 -9.66 -19.32 1.02
CA LEU A 167 -9.65 -20.64 0.41
C LEU A 167 -8.43 -21.42 0.89
N PRO A 168 -8.44 -22.75 0.71
CA PRO A 168 -7.30 -23.55 1.18
C PRO A 168 -5.95 -23.13 0.62
N THR A 169 -5.88 -22.61 -0.61
CA THR A 169 -4.60 -22.16 -1.14
C THR A 169 -4.16 -20.82 -0.56
N GLY A 170 -4.98 -20.21 0.29
CA GLY A 170 -4.65 -18.91 0.87
C GLY A 170 -5.08 -17.71 0.07
N VAL A 171 -5.76 -17.91 -1.05
CA VAL A 171 -6.37 -16.80 -1.78
C VAL A 171 -7.76 -16.55 -1.18
N HIS A 172 -8.48 -15.54 -1.67
CA HIS A 172 -9.66 -15.04 -0.97
C HIS A 172 -10.84 -14.90 -1.92
N ALA A 173 -12.05 -15.03 -1.36
CA ALA A 173 -13.26 -14.96 -2.16
C ALA A 173 -14.27 -14.05 -1.45
N GLY A 174 -15.04 -13.32 -2.26
CA GLY A 174 -16.05 -12.46 -1.69
C GLY A 174 -17.07 -12.08 -2.75
N THR A 175 -17.93 -11.14 -2.37
CA THR A 175 -19.08 -10.74 -3.17
C THR A 175 -18.97 -9.28 -3.59
N ASP A 176 -19.81 -8.91 -4.56
CA ASP A 176 -20.06 -7.49 -4.74
C ASP A 176 -21.01 -7.02 -3.63
N LEU A 177 -21.38 -5.75 -3.65
CA LEU A 177 -22.19 -5.20 -2.57
C LEU A 177 -23.68 -5.50 -2.76
N GLU A 178 -24.03 -6.18 -3.85
CA GLU A 178 -25.34 -6.81 -3.97
C GLU A 178 -25.35 -8.26 -3.46
N GLY A 179 -24.24 -8.75 -2.92
CA GLY A 179 -24.19 -10.06 -2.32
C GLY A 179 -23.97 -11.22 -3.27
N ASN A 180 -23.59 -10.96 -4.52
CA ASN A 180 -23.28 -12.02 -5.46
C ASN A 180 -21.79 -12.32 -5.41
N PHE A 181 -21.43 -13.60 -5.22
CA PHE A 181 -20.00 -13.92 -5.23
C PHE A 181 -19.37 -13.60 -6.56
N TYR A 182 -18.09 -13.19 -6.51
CA TYR A 182 -17.23 -13.36 -7.65
C TYR A 182 -16.78 -14.81 -7.68
N GLY A 183 -17.02 -15.49 -8.79
CA GLY A 183 -16.57 -16.87 -8.91
C GLY A 183 -17.56 -17.88 -8.39
N PRO A 184 -17.22 -19.16 -8.56
CA PRO A 184 -18.18 -20.24 -8.24
C PRO A 184 -18.22 -20.63 -6.78
N PHE A 185 -18.09 -19.66 -5.88
CA PHE A 185 -17.99 -19.93 -4.46
C PHE A 185 -19.34 -19.71 -3.78
N VAL A 186 -19.45 -20.25 -2.57
CA VAL A 186 -20.65 -20.16 -1.74
C VAL A 186 -20.23 -19.93 -0.30
N ASP A 187 -21.08 -19.21 0.44
CA ASP A 187 -20.74 -18.80 1.79
C ASP A 187 -21.12 -19.89 2.81
N ARG A 188 -20.27 -20.91 2.85
CA ARG A 188 -20.29 -21.94 3.88
C ARG A 188 -18.85 -22.34 4.18
N GLN A 189 -18.60 -22.80 5.41
CA GLN A 189 -17.25 -23.18 5.83
C GLN A 189 -16.89 -24.58 5.32
N THR A 190 -16.69 -24.66 4.01
CA THR A 190 -16.15 -25.85 3.37
C THR A 190 -14.89 -25.47 2.59
N ALA A 191 -14.04 -26.46 2.36
CA ALA A 191 -12.84 -26.24 1.56
C ALA A 191 -13.25 -26.10 0.11
N GLN A 192 -13.03 -24.93 -0.48
CA GLN A 192 -13.44 -24.68 -1.86
C GLN A 192 -12.22 -24.35 -2.69
N ALA A 193 -12.11 -24.98 -3.85
CA ALA A 193 -11.05 -24.72 -4.81
C ALA A 193 -11.56 -23.82 -5.91
N ALA A 194 -10.66 -23.02 -6.46
CA ALA A 194 -10.97 -22.14 -7.57
C ALA A 194 -10.61 -22.81 -8.89
N GLY A 195 -11.12 -22.23 -9.97
CA GLY A 195 -10.66 -22.63 -11.29
C GLY A 195 -9.21 -22.26 -11.48
N THR A 196 -8.61 -22.81 -12.52
CA THR A 196 -7.20 -22.58 -12.76
C THR A 196 -6.98 -21.09 -13.01
N ASP A 197 -6.02 -20.51 -12.31
CA ASP A 197 -5.81 -19.10 -12.52
C ASP A 197 -4.97 -18.89 -13.77
N THR A 198 -5.19 -17.76 -14.41
CA THR A 198 -4.42 -17.32 -15.56
C THR A 198 -3.85 -15.95 -15.25
N THR A 199 -2.88 -15.53 -16.05
CA THR A 199 -2.18 -14.27 -15.85
C THR A 199 -2.82 -13.17 -16.68
N ILE A 200 -2.97 -11.98 -16.09
CA ILE A 200 -3.67 -10.88 -16.77
C ILE A 200 -2.70 -10.20 -17.73
N THR A 201 -2.80 -10.56 -19.01
CA THR A 201 -1.77 -10.21 -19.99
C THR A 201 -1.67 -8.70 -20.20
N VAL A 202 -2.80 -8.01 -20.34
CA VAL A 202 -2.75 -6.57 -20.60
C VAL A 202 -2.07 -5.84 -19.45
N ASN A 203 -2.24 -6.35 -18.23
CA ASN A 203 -1.59 -5.76 -17.06
C ASN A 203 -0.09 -5.98 -17.09
N VAL A 204 0.36 -7.19 -17.43
CA VAL A 204 1.80 -7.43 -17.54
C VAL A 204 2.41 -6.47 -18.55
N LEU A 205 1.75 -6.29 -19.70
CA LEU A 205 2.26 -5.37 -20.70
C LEU A 205 2.32 -3.94 -20.17
N ALA A 206 1.28 -3.49 -19.47
CA ALA A 206 1.32 -2.17 -18.83
C ALA A 206 2.52 -2.05 -17.89
N TRP A 207 2.77 -3.09 -17.09
CA TRP A 207 3.85 -3.03 -16.13
C TRP A 207 5.21 -3.05 -16.81
N LEU A 208 5.34 -3.73 -17.95
CA LEU A 208 6.55 -3.61 -18.75
C LEU A 208 6.76 -2.19 -19.24
N TYR A 209 5.68 -1.51 -19.65
CA TYR A 209 5.78 -0.11 -20.05
C TYR A 209 6.21 0.76 -18.87
N ALA A 210 5.63 0.52 -17.69
CA ALA A 210 6.12 1.18 -16.49
C ALA A 210 7.63 0.98 -16.31
N ALA A 211 8.11 -0.24 -16.54
CA ALA A 211 9.53 -0.50 -16.35
C ALA A 211 10.36 0.35 -17.31
N VAL A 212 9.91 0.46 -18.56
CA VAL A 212 10.64 1.26 -19.53
C VAL A 212 10.61 2.73 -19.13
N ILE A 213 9.44 3.23 -18.74
CA ILE A 213 9.33 4.64 -18.31
C ILE A 213 10.26 4.93 -17.16
N ASN A 214 10.50 3.95 -16.28
CA ASN A 214 11.41 4.14 -15.16
C ASN A 214 12.84 3.71 -15.47
N GLY A 215 13.17 3.53 -16.76
CA GLY A 215 14.56 3.41 -17.18
C GLY A 215 15.10 2.02 -17.41
N ASP A 216 14.24 1.02 -17.39
CA ASP A 216 14.71 -0.37 -17.58
C ASP A 216 14.22 -0.91 -18.93
N ARG A 217 15.16 -1.32 -19.77
CA ARG A 217 14.82 -1.77 -21.11
C ARG A 217 15.42 -3.13 -21.45
N TRP A 218 16.00 -3.85 -20.49
CA TRP A 218 16.85 -4.98 -20.84
C TRP A 218 16.09 -6.04 -21.60
N PHE A 219 14.78 -6.14 -21.38
CA PHE A 219 13.90 -7.16 -21.93
C PHE A 219 13.37 -6.82 -23.33
N LEU A 220 13.52 -5.58 -23.79
CA LEU A 220 13.07 -5.23 -25.13
C LEU A 220 13.91 -5.95 -26.18
N ASN A 221 13.33 -6.15 -27.36
CA ASN A 221 14.03 -6.81 -28.45
C ASN A 221 13.56 -6.21 -29.78
N ARG A 222 14.09 -6.76 -30.86
CA ARG A 222 13.78 -6.34 -32.21
C ARG A 222 12.85 -7.30 -32.94
N PHE A 223 12.38 -8.36 -32.26
CA PHE A 223 11.47 -9.30 -32.88
C PHE A 223 10.12 -8.63 -33.17
N THR A 224 9.36 -9.25 -34.07
CA THR A 224 8.03 -8.79 -34.43
C THR A 224 7.01 -9.90 -34.15
N THR A 225 5.77 -9.50 -33.86
CA THR A 225 4.72 -10.49 -33.75
C THR A 225 3.40 -9.86 -34.17
N THR A 226 2.55 -10.68 -34.75
CA THR A 226 1.16 -10.32 -34.90
C THR A 226 0.41 -10.53 -33.59
N LEU A 227 -0.78 -9.95 -33.51
CA LEU A 227 -1.60 -10.11 -32.32
C LEU A 227 -2.00 -11.57 -32.13
N ASN A 228 -2.40 -12.24 -33.20
CA ASN A 228 -2.82 -13.63 -33.09
C ASN A 228 -1.64 -14.54 -32.70
N ASP A 229 -0.49 -14.34 -33.32
CA ASP A 229 0.65 -15.18 -32.99
C ASP A 229 1.11 -14.96 -31.55
N PHE A 230 1.02 -13.72 -31.06
CA PHE A 230 1.27 -13.51 -29.64
C PHE A 230 0.25 -14.26 -28.80
N ASN A 231 -1.04 -14.20 -29.17
CA ASN A 231 -2.06 -14.86 -28.37
C ASN A 231 -1.89 -16.38 -28.36
N LEU A 232 -1.38 -16.96 -29.44
CA LEU A 232 -1.11 -18.39 -29.43
C LEU A 232 -0.12 -18.75 -28.34
N VAL A 233 0.98 -17.98 -28.26
CA VAL A 233 2.00 -18.23 -27.24
C VAL A 233 1.47 -17.92 -25.85
N ALA A 234 0.74 -16.81 -25.71
CA ALA A 234 0.17 -16.44 -24.41
C ALA A 234 -0.74 -17.55 -23.88
N MET A 235 -1.67 -18.04 -24.72
CA MET A 235 -2.57 -19.10 -24.24
C MET A 235 -1.79 -20.33 -23.82
N LYS A 236 -0.70 -20.62 -24.53
CA LYS A 236 0.10 -21.80 -24.21
C LYS A 236 0.62 -21.72 -22.78
N TYR A 237 0.96 -20.51 -22.33
CA TYR A 237 1.50 -20.26 -21.00
C TYR A 237 0.43 -19.86 -19.98
N ASN A 238 -0.83 -20.16 -20.26
CA ASN A 238 -1.96 -19.78 -19.39
C ASN A 238 -1.97 -18.28 -19.12
N TYR A 239 -1.74 -17.50 -20.16
CA TYR A 239 -1.98 -16.06 -20.13
C TYR A 239 -3.32 -15.78 -20.80
N GLU A 240 -4.03 -14.77 -20.29
CA GLU A 240 -5.27 -14.36 -20.94
C GLU A 240 -4.97 -13.82 -22.32
N PRO A 241 -5.87 -14.02 -23.28
CA PRO A 241 -5.65 -13.44 -24.60
C PRO A 241 -5.72 -11.93 -24.55
N LEU A 242 -5.02 -11.29 -25.47
CA LEU A 242 -4.99 -9.84 -25.60
C LEU A 242 -5.97 -9.44 -26.70
N THR A 243 -6.91 -8.57 -26.39
CA THR A 243 -7.89 -8.14 -27.38
C THR A 243 -7.44 -6.84 -28.03
N GLN A 244 -8.06 -6.51 -29.16
CA GLN A 244 -7.83 -5.22 -29.78
C GLN A 244 -8.18 -4.08 -28.82
N ASP A 245 -9.22 -4.24 -28.01
CA ASP A 245 -9.52 -3.24 -27.00
CA ASP A 245 -9.52 -3.24 -26.99
C ASP A 245 -8.34 -3.05 -26.05
N HIS A 246 -7.72 -4.15 -25.60
CA HIS A 246 -6.54 -4.04 -24.76
C HIS A 246 -5.41 -3.30 -25.48
N VAL A 247 -5.21 -3.60 -26.77
CA VAL A 247 -4.18 -2.89 -27.53
C VAL A 247 -4.48 -1.39 -27.53
N ASP A 248 -5.75 -1.04 -27.74
CA ASP A 248 -6.16 0.35 -27.74
C ASP A 248 -5.90 1.00 -26.39
N ILE A 249 -6.24 0.30 -25.31
CA ILE A 249 -6.05 0.84 -23.97
C ILE A 249 -4.57 1.11 -23.68
N LEU A 250 -3.68 0.31 -24.26
CA LEU A 250 -2.26 0.50 -24.05
C LEU A 250 -1.69 1.65 -24.88
N GLY A 251 -2.50 2.20 -25.79
CA GLY A 251 -2.10 3.26 -26.68
C GLY A 251 -1.28 4.36 -26.03
N PRO A 252 -1.84 5.01 -24.99
CA PRO A 252 -1.10 6.11 -24.36
C PRO A 252 0.29 5.71 -23.89
N LEU A 253 0.43 4.50 -23.35
CA LEU A 253 1.73 4.05 -22.89
C LEU A 253 2.68 3.81 -24.06
N SER A 254 2.15 3.27 -25.17
CA SER A 254 2.94 3.14 -26.39
C SER A 254 3.41 4.50 -26.90
N ALA A 255 2.47 5.46 -27.01
CA ALA A 255 2.81 6.81 -27.45
C ALA A 255 3.88 7.41 -26.56
N GLN A 256 3.71 7.32 -25.24
CA GLN A 256 4.66 7.91 -24.31
C GLN A 256 6.08 7.36 -24.53
N THR A 257 6.21 6.03 -24.64
CA THR A 257 7.51 5.37 -24.71
C THR A 257 8.04 5.20 -26.12
N GLY A 258 7.20 5.36 -27.14
CA GLY A 258 7.62 5.07 -28.50
C GLY A 258 7.77 3.61 -28.84
N ILE A 259 7.24 2.71 -28.01
CA ILE A 259 7.34 1.27 -28.23
C ILE A 259 5.96 0.77 -28.63
N ALA A 260 5.85 0.24 -29.84
CA ALA A 260 4.55 -0.22 -30.31
C ALA A 260 4.06 -1.36 -29.43
N VAL A 261 2.74 -1.43 -29.27
CA VAL A 261 2.16 -2.47 -28.41
C VAL A 261 2.64 -3.85 -28.85
N LEU A 262 2.54 -4.15 -30.14
CA LEU A 262 2.96 -5.47 -30.62
C LEU A 262 4.46 -5.68 -30.47
N ASP A 263 5.24 -4.62 -30.39
CA ASP A 263 6.65 -4.77 -30.07
C ASP A 263 6.83 -5.17 -28.61
N MET A 264 6.01 -4.63 -27.72
CA MET A 264 6.12 -5.09 -26.35
C MET A 264 5.57 -6.51 -26.20
N CYS A 265 4.60 -6.90 -27.02
CA CYS A 265 4.14 -8.28 -27.03
C CYS A 265 5.28 -9.23 -27.42
N ALA A 266 6.09 -8.81 -28.38
CA ALA A 266 7.24 -9.60 -28.79
C ALA A 266 8.23 -9.73 -27.64
N SER A 267 8.36 -8.68 -26.83
CA SER A 267 9.22 -8.75 -25.66
CA SER A 267 9.23 -8.76 -25.66
C SER A 267 8.66 -9.73 -24.63
N LEU A 268 7.36 -9.66 -24.37
CA LEU A 268 6.76 -10.56 -23.41
C LEU A 268 6.82 -12.01 -23.89
N LYS A 269 6.58 -12.24 -25.18
CA LYS A 269 6.70 -13.60 -25.73
C LYS A 269 8.07 -14.21 -25.40
N GLU A 270 9.14 -13.44 -25.54
CA GLU A 270 10.46 -13.96 -25.25
C GLU A 270 10.64 -14.25 -23.77
N LEU A 271 10.12 -13.37 -22.91
CA LEU A 271 10.20 -13.59 -21.47
C LEU A 271 9.44 -14.86 -21.08
N LEU A 272 8.29 -15.11 -21.70
CA LEU A 272 7.58 -16.35 -21.43
C LEU A 272 8.36 -17.56 -21.89
N GLN A 273 9.11 -17.45 -22.98
CA GLN A 273 9.78 -18.61 -23.54
C GLN A 273 11.16 -18.83 -22.94
N ASN A 274 11.85 -17.75 -22.55
CA ASN A 274 13.21 -17.81 -22.06
C ASN A 274 13.31 -17.65 -20.55
N GLY A 275 12.32 -17.00 -19.92
CA GLY A 275 12.46 -16.61 -18.53
C GLY A 275 13.29 -15.35 -18.40
N MET A 276 13.54 -14.96 -17.16
CA MET A 276 14.25 -13.71 -16.88
C MET A 276 15.74 -13.91 -16.62
N ASN A 277 16.24 -15.15 -16.64
CA ASN A 277 17.67 -15.43 -16.49
C ASN A 277 18.22 -14.81 -15.19
N GLY A 278 17.45 -14.93 -14.10
CA GLY A 278 17.85 -14.37 -12.82
C GLY A 278 17.77 -12.86 -12.72
N ARG A 279 17.40 -12.17 -13.80
CA ARG A 279 17.31 -10.73 -13.80
C ARG A 279 15.96 -10.29 -13.24
N THR A 280 15.84 -9.00 -12.92
CA THR A 280 14.61 -8.49 -12.34
C THR A 280 14.07 -7.34 -13.17
N ILE A 281 12.78 -7.10 -13.04
CA ILE A 281 12.11 -5.96 -13.65
C ILE A 281 11.41 -5.21 -12.54
N LEU A 282 11.71 -3.91 -12.42
CA LEU A 282 11.18 -3.09 -11.34
C LEU A 282 11.33 -3.80 -10.00
N GLY A 283 12.49 -4.44 -9.82
CA GLY A 283 12.82 -5.16 -8.60
C GLY A 283 12.11 -6.48 -8.40
N SER A 284 11.31 -6.93 -9.36
CA SER A 284 10.57 -8.18 -9.25
C SER A 284 11.25 -9.27 -10.08
N ALA A 285 11.34 -10.47 -9.51
CA ALA A 285 11.81 -11.63 -10.26
C ALA A 285 10.71 -12.32 -11.04
N LEU A 286 9.45 -11.89 -10.88
CA LEU A 286 8.31 -12.49 -11.57
C LEU A 286 7.54 -11.41 -12.32
N LEU A 287 6.82 -11.83 -13.35
CA LEU A 287 6.06 -10.89 -14.17
C LEU A 287 4.81 -10.47 -13.42
N GLU A 288 4.74 -9.18 -13.10
CA GLU A 288 3.65 -8.61 -12.30
C GLU A 288 2.42 -8.36 -13.16
N ASP A 289 1.24 -8.84 -12.70
CA ASP A 289 0.03 -8.66 -13.50
C ASP A 289 -1.09 -7.94 -12.77
N GLU A 290 -0.80 -7.24 -11.66
CA GLU A 290 -1.87 -6.56 -10.92
C GLU A 290 -1.81 -5.04 -11.02
N PHE A 291 -1.17 -4.51 -12.08
CA PHE A 291 -1.27 -3.10 -12.46
C PHE A 291 -2.04 -2.99 -13.76
N THR A 292 -3.14 -2.25 -13.75
CA THR A 292 -3.83 -1.96 -14.99
C THR A 292 -3.10 -0.88 -15.78
N PRO A 293 -3.41 -0.75 -17.07
CA PRO A 293 -2.91 0.42 -17.82
C PRO A 293 -3.24 1.75 -17.16
N PHE A 294 -4.43 1.87 -16.58
CA PHE A 294 -4.76 3.13 -15.88
C PHE A 294 -3.88 3.33 -14.64
N ASP A 295 -3.57 2.25 -13.92
CA ASP A 295 -2.69 2.37 -12.77
C ASP A 295 -1.32 2.87 -13.16
N VAL A 296 -0.79 2.37 -14.29
CA VAL A 296 0.54 2.80 -14.76
C VAL A 296 0.50 4.25 -15.21
N VAL A 297 -0.46 4.60 -16.07
CA VAL A 297 -0.62 5.97 -16.57
C VAL A 297 -0.72 6.96 -15.42
N ARG A 298 -1.51 6.61 -14.40
CA ARG A 298 -1.74 7.50 -13.26
C ARG A 298 -0.44 7.81 -12.52
N GLN A 299 0.46 6.84 -12.45
CA GLN A 299 1.71 7.00 -11.73
C GLN A 299 2.86 7.48 -12.60
N CYS A 300 2.75 7.39 -13.91
CA CYS A 300 3.91 7.52 -14.77
C CYS A 300 3.76 8.60 -15.84
N SER A 301 2.62 9.28 -15.91
CA SER A 301 2.45 10.30 -16.93
C SER A 301 3.31 11.51 -16.61
N GLY A 302 4.09 11.95 -17.60
CA GLY A 302 5.00 13.06 -17.44
C GLY A 302 6.46 12.64 -17.43
N SER B 1 3.67 -15.67 -2.13
CA SER B 1 3.68 -15.47 -0.68
C SER B 1 2.41 -14.73 -0.21
N GLY B 2 1.99 -14.98 1.02
CA GLY B 2 0.89 -14.27 1.62
C GLY B 2 1.22 -12.87 2.11
N PHE B 3 2.42 -12.37 1.79
CA PHE B 3 2.90 -11.09 2.30
C PHE B 3 2.74 -10.00 1.24
N ARG B 4 2.13 -8.89 1.63
CA ARG B 4 1.96 -7.76 0.76
C ARG B 4 2.50 -6.54 1.50
N LYS B 5 3.00 -5.55 0.77
CA LYS B 5 3.23 -4.25 1.40
C LYS B 5 1.87 -3.62 1.73
N MET B 6 1.58 -3.42 3.02
CA MET B 6 0.32 -2.83 3.45
C MET B 6 0.56 -1.47 4.10
N ALA B 7 -0.21 -0.48 3.68
CA ALA B 7 -0.14 0.85 4.29
C ALA B 7 -1.06 0.91 5.50
N PHE B 8 -0.81 1.89 6.38
CA PHE B 8 -1.83 2.21 7.37
C PHE B 8 -3.01 2.91 6.71
N PRO B 9 -4.21 2.76 7.28
CA PRO B 9 -5.35 3.56 6.83
C PRO B 9 -4.97 5.04 6.92
N SER B 10 -5.28 5.77 5.86
CA SER B 10 -4.69 7.11 5.70
C SER B 10 -5.61 8.25 6.18
N GLY B 11 -6.82 7.93 6.63
CA GLY B 11 -7.80 8.98 6.90
C GLY B 11 -7.35 10.01 7.92
N LYS B 12 -6.67 9.56 8.98
CA LYS B 12 -6.22 10.52 10.00
C LYS B 12 -5.24 11.53 9.44
N VAL B 13 -4.50 11.16 8.40
CA VAL B 13 -3.56 12.10 7.77
C VAL B 13 -4.24 12.91 6.68
N GLU B 14 -5.18 12.29 5.95
CA GLU B 14 -5.91 13.02 4.92
C GLU B 14 -6.52 14.27 5.48
N GLY B 15 -7.10 14.20 6.69
CA GLY B 15 -7.72 15.37 7.28
C GLY B 15 -6.78 16.48 7.67
N CYS B 16 -5.48 16.31 7.41
CA CYS B 16 -4.46 17.27 7.79
C CYS B 16 -3.77 17.89 6.59
N MET B 17 -4.09 17.45 5.38
CA MET B 17 -3.37 17.94 4.21
C MET B 17 -3.93 19.25 3.72
N VAL B 18 -3.03 20.19 3.45
CA VAL B 18 -3.39 21.49 2.88
C VAL B 18 -2.39 21.82 1.78
N GLN B 19 -2.72 22.85 1.00
CA GLN B 19 -1.83 23.40 -0.02
C GLN B 19 -1.25 24.71 0.52
N VAL B 20 0.03 24.94 0.23
CA VAL B 20 0.71 26.18 0.57
C VAL B 20 1.31 26.76 -0.69
N THR B 21 1.08 28.05 -0.93
CA THR B 21 1.53 28.72 -2.13
C THR B 21 2.18 30.04 -1.77
N CYS B 22 3.31 30.31 -2.43
CA CYS B 22 4.04 31.56 -2.31
CA CYS B 22 4.02 31.58 -2.31
C CYS B 22 4.31 32.06 -3.72
N GLY B 23 3.66 33.13 -4.13
CA GLY B 23 3.74 33.57 -5.51
C GLY B 23 3.08 32.54 -6.39
N THR B 24 3.87 31.86 -7.23
CA THR B 24 3.37 30.72 -7.98
C THR B 24 3.93 29.39 -7.49
N THR B 25 4.89 29.41 -6.57
CA THR B 25 5.45 28.18 -6.06
C THR B 25 4.46 27.57 -5.07
N THR B 26 4.12 26.30 -5.29
CA THR B 26 3.04 25.71 -4.53
C THR B 26 3.37 24.26 -4.23
N LEU B 27 2.98 23.88 -3.02
CA LEU B 27 3.27 22.51 -2.56
C LEU B 27 2.30 22.13 -1.43
N ASN B 28 2.56 21.00 -0.80
CA ASN B 28 1.67 20.46 0.21
C ASN B 28 2.19 20.80 1.61
N GLY B 29 1.24 21.01 2.53
CA GLY B 29 1.58 21.23 3.93
C GLY B 29 0.72 20.38 4.85
N LEU B 30 1.11 20.35 6.13
CA LEU B 30 0.50 19.49 7.13
C LEU B 30 -0.04 20.35 8.26
N TRP B 31 -1.36 20.29 8.47
CA TRP B 31 -2.08 21.18 9.37
C TRP B 31 -2.43 20.41 10.64
N LEU B 32 -1.77 20.75 11.75
CA LEU B 32 -1.94 20.07 13.01
C LEU B 32 -2.14 21.15 14.06
N ASP B 33 -3.24 21.05 14.81
CA ASP B 33 -3.62 22.13 15.72
C ASP B 33 -3.62 23.44 14.93
N ASP B 34 -2.96 24.51 15.39
CA ASP B 34 -3.00 25.78 14.68
C ASP B 34 -1.69 26.06 13.94
N VAL B 35 -0.99 25.02 13.50
CA VAL B 35 0.27 25.21 12.79
C VAL B 35 0.22 24.40 11.49
N VAL B 36 0.73 25.00 10.41
CA VAL B 36 0.93 24.29 9.14
C VAL B 36 2.42 24.13 8.92
N TYR B 37 2.85 22.91 8.65
CA TYR B 37 4.25 22.55 8.41
C TYR B 37 4.44 22.25 6.93
N CYS B 38 5.51 22.77 6.34
CA CYS B 38 5.72 22.56 4.91
C CYS B 38 7.17 22.82 4.60
N PRO B 39 7.67 22.31 3.47
CA PRO B 39 9.07 22.57 3.11
C PRO B 39 9.31 24.06 2.89
N ARG B 40 10.43 24.57 3.39
CA ARG B 40 10.73 25.99 3.19
C ARG B 40 11.00 26.32 1.74
N HIS B 41 11.26 25.32 0.89
CA HIS B 41 11.42 25.54 -0.55
C HIS B 41 10.26 26.33 -1.16
N VAL B 42 9.10 26.38 -0.49
CA VAL B 42 7.95 27.06 -1.09
C VAL B 42 8.21 28.56 -1.27
N ILE B 43 9.11 29.14 -0.47
CA ILE B 43 9.38 30.58 -0.60
C ILE B 43 10.35 30.91 -1.72
N CYS B 44 10.82 29.91 -2.48
CA CYS B 44 11.70 30.14 -3.61
C CYS B 44 10.92 30.49 -4.86
N THR B 45 11.30 31.58 -5.53
CA THR B 45 10.93 31.68 -6.93
C THR B 45 11.83 30.75 -7.73
N SER B 46 11.47 30.54 -9.01
CA SER B 46 12.23 29.63 -9.85
C SER B 46 13.71 29.98 -9.89
N GLU B 47 14.03 31.29 -9.90
CA GLU B 47 15.43 31.71 -9.90
C GLU B 47 16.10 31.54 -8.55
N ASP B 48 15.32 31.31 -7.50
CA ASP B 48 15.89 31.02 -6.19
C ASP B 48 16.18 29.55 -5.98
N MET B 49 15.52 28.66 -6.73
CA MET B 49 15.51 27.24 -6.39
C MET B 49 16.90 26.61 -6.48
N PHE B 50 17.74 27.07 -7.42
CA PHE B 50 19.05 26.47 -7.62
C PHE B 50 20.00 26.72 -6.45
N ASN B 51 20.06 27.95 -5.97
CA ASN B 51 20.94 28.31 -4.85
C ASN B 51 20.25 29.33 -3.97
N PRO B 52 19.24 28.91 -3.22
CA PRO B 52 18.49 29.86 -2.40
C PRO B 52 19.23 30.32 -1.15
N ASN B 53 18.99 31.59 -0.82
CA ASN B 53 19.37 32.17 0.45
C ASN B 53 18.08 32.26 1.26
N TYR B 54 17.76 31.19 1.97
CA TYR B 54 16.45 31.11 2.68
C TYR B 54 16.30 32.23 3.70
N GLU B 55 17.35 32.47 4.48
CA GLU B 55 17.26 33.56 5.44
C GLU B 55 16.87 34.86 4.76
N ASP B 56 17.49 35.15 3.61
CA ASP B 56 17.18 36.40 2.91
C ASP B 56 15.82 36.34 2.22
N LEU B 57 15.41 35.15 1.76
CA LEU B 57 14.08 35.03 1.18
C LEU B 57 13.01 35.20 2.24
N LEU B 58 13.30 34.83 3.49
CA LEU B 58 12.28 34.86 4.53
C LEU B 58 12.14 36.24 5.16
N ILE B 59 13.22 37.00 5.24
CA ILE B 59 13.16 38.34 5.82
C ILE B 59 12.25 39.25 5.01
N ARG B 60 12.15 39.02 3.70
CA ARG B 60 11.28 39.82 2.88
C ARG B 60 9.82 39.41 3.03
N LYS B 61 9.57 38.23 3.56
CA LYS B 61 8.23 37.67 3.56
C LYS B 61 7.46 38.13 4.80
N SER B 62 6.16 38.31 4.62
CA SER B 62 5.25 38.58 5.72
C SER B 62 4.15 37.53 5.71
N ASN B 63 3.40 37.48 6.81
CA ASN B 63 2.29 36.54 6.93
C ASN B 63 1.41 36.59 5.69
N HIS B 64 1.12 37.79 5.20
CA HIS B 64 0.15 37.95 4.12
C HIS B 64 0.67 37.50 2.77
N ASN B 65 1.94 37.06 2.70
CA ASN B 65 2.50 36.50 1.48
C ASN B 65 2.21 35.01 1.32
N PHE B 66 1.64 34.39 2.35
CA PHE B 66 1.44 32.92 2.34
C PHE B 66 -0.02 32.54 2.13
N LEU B 67 -0.28 31.83 1.03
CA LEU B 67 -1.62 31.35 0.74
C LEU B 67 -1.73 29.90 1.19
N VAL B 68 -2.49 29.65 2.25
CA VAL B 68 -2.71 28.31 2.77
C VAL B 68 -4.17 27.95 2.54
N GLN B 69 -4.42 26.83 1.88
CA GLN B 69 -5.80 26.49 1.55
C GLN B 69 -6.09 25.04 1.93
N ALA B 70 -7.21 24.83 2.59
CA ALA B 70 -7.76 23.50 2.80
C ALA B 70 -8.90 23.36 1.80
N GLY B 71 -8.69 22.54 0.77
CA GLY B 71 -9.61 22.63 -0.36
C GLY B 71 -9.49 24.00 -1.00
N ASN B 72 -10.62 24.69 -1.17
CA ASN B 72 -10.60 26.06 -1.65
C ASN B 72 -10.79 27.07 -0.54
N VAL B 73 -10.77 26.64 0.72
CA VAL B 73 -10.97 27.53 1.85
C VAL B 73 -9.61 28.02 2.34
N GLN B 74 -9.43 29.33 2.36
CA GLN B 74 -8.17 29.90 2.81
C GLN B 74 -8.08 29.89 4.34
N LEU B 75 -6.92 29.50 4.85
CA LEU B 75 -6.59 29.61 6.26
C LEU B 75 -5.67 30.80 6.46
N ARG B 76 -6.09 31.76 7.27
CA ARG B 76 -5.30 32.98 7.47
C ARG B 76 -4.05 32.67 8.27
N VAL B 77 -2.89 33.07 7.74
CA VAL B 77 -1.62 32.89 8.43
C VAL B 77 -1.39 34.06 9.37
N ILE B 78 -1.07 33.77 10.63
CA ILE B 78 -0.90 34.80 11.65
C ILE B 78 0.49 34.80 12.29
N GLY B 79 1.40 33.96 11.80
CA GLY B 79 2.77 33.95 12.29
C GLY B 79 3.58 33.01 11.42
N HIS B 80 4.89 33.22 11.29
CA HIS B 80 5.66 32.26 10.51
C HIS B 80 7.07 32.17 11.09
N SER B 81 7.66 30.99 10.95
CA SER B 81 9.03 30.78 11.40
C SER B 81 9.62 29.65 10.58
N MET B 82 10.94 29.63 10.53
CA MET B 82 11.74 28.62 9.87
C MET B 82 12.41 27.76 10.92
N GLN B 83 12.30 26.44 10.76
CA GLN B 83 13.02 25.49 11.61
C GLN B 83 13.74 24.52 10.68
N ASN B 84 15.06 24.66 10.56
CA ASN B 84 15.83 23.85 9.63
C ASN B 84 15.23 24.01 8.24
N CYS B 85 14.79 22.92 7.61
CA CYS B 85 14.27 23.00 6.25
C CYS B 85 12.76 23.01 6.18
N VAL B 86 12.07 23.17 7.30
CA VAL B 86 10.62 23.29 7.29
C VAL B 86 10.19 24.69 7.73
N LEU B 87 9.17 25.18 7.06
CA LEU B 87 8.47 26.40 7.45
C LEU B 87 7.29 26.01 8.34
N LYS B 88 7.08 26.81 9.39
CA LYS B 88 5.97 26.64 10.31
C LYS B 88 5.09 27.88 10.22
N LEU B 89 3.87 27.71 9.73
CA LEU B 89 2.92 28.81 9.56
C LEU B 89 1.85 28.69 10.64
N LYS B 90 1.80 29.68 11.53
CA LYS B 90 0.74 29.70 12.51
C LYS B 90 -0.52 30.22 11.83
N VAL B 91 -1.63 29.50 12.00
CA VAL B 91 -2.88 29.89 11.34
C VAL B 91 -3.90 30.21 12.43
N ASP B 92 -4.99 30.84 12.04
CA ASP B 92 -5.94 31.32 13.04
C ASP B 92 -7.01 30.28 13.40
N THR B 93 -6.94 29.08 12.83
CA THR B 93 -7.94 28.02 13.07
C THR B 93 -7.22 26.75 13.47
N ALA B 94 -7.59 26.17 14.61
CA ALA B 94 -7.06 24.87 15.00
C ALA B 94 -7.78 23.78 14.21
N ASN B 95 -7.00 22.88 13.61
CA ASN B 95 -7.60 21.86 12.74
C ASN B 95 -8.50 20.94 13.56
N PRO B 96 -9.81 20.94 13.33
CA PRO B 96 -10.68 20.05 14.10
C PRO B 96 -10.44 18.58 13.84
N LYS B 97 -9.73 18.24 12.77
CA LYS B 97 -9.42 16.82 12.44
C LYS B 97 -8.01 16.43 12.93
N THR B 98 -7.37 17.27 13.73
CA THR B 98 -6.06 16.90 14.26
C THR B 98 -6.13 15.59 15.04
N PRO B 99 -5.38 14.56 14.66
CA PRO B 99 -5.32 13.33 15.46
C PRO B 99 -4.35 13.49 16.63
N LYS B 100 -4.35 12.49 17.52
CA LYS B 100 -3.20 12.37 18.41
C LYS B 100 -1.98 12.15 17.53
N TYR B 101 -0.91 12.89 17.79
CA TYR B 101 0.23 12.77 16.89
C TYR B 101 1.55 12.99 17.63
N LYS B 102 2.62 12.51 16.99
CA LYS B 102 4.00 12.71 17.41
C LYS B 102 4.86 12.97 16.17
N PHE B 103 6.00 13.62 16.38
CA PHE B 103 7.03 13.76 15.36
C PHE B 103 8.19 12.85 15.73
N VAL B 104 8.58 11.95 14.82
CA VAL B 104 9.68 11.02 15.13
C VAL B 104 10.68 11.02 13.98
N ARG B 105 11.94 10.76 14.33
CA ARG B 105 12.98 10.57 13.33
C ARG B 105 13.30 9.08 13.26
N ILE B 106 13.08 8.47 12.10
CA ILE B 106 13.27 7.02 12.00
C ILE B 106 14.70 6.70 11.59
N GLN B 107 15.07 5.43 11.73
CA GLN B 107 16.35 4.85 11.32
C GLN B 107 16.21 4.19 9.97
N PRO B 108 17.32 4.00 9.24
CA PRO B 108 17.26 3.18 8.02
C PRO B 108 16.68 1.80 8.32
N GLY B 109 15.88 1.29 7.38
CA GLY B 109 15.22 0.01 7.58
C GLY B 109 13.77 0.17 8.00
N GLN B 110 13.48 1.23 8.75
CA GLN B 110 12.13 1.36 9.26
C GLN B 110 11.18 1.69 8.11
N THR B 111 9.96 1.16 8.18
CA THR B 111 9.00 1.41 7.13
C THR B 111 7.97 2.43 7.59
N PHE B 112 7.25 2.99 6.63
CA PHE B 112 6.21 3.98 6.91
C PHE B 112 5.31 4.07 5.70
N SER B 113 4.09 4.57 5.93
CA SER B 113 3.14 4.78 4.85
C SER B 113 3.33 6.20 4.33
N VAL B 114 3.30 6.35 3.00
CA VAL B 114 3.36 7.66 2.36
C VAL B 114 1.99 7.99 1.79
N LEU B 115 1.46 9.15 2.14
CA LEU B 115 0.22 9.65 1.52
C LEU B 115 0.62 10.64 0.42
N ALA B 116 0.66 10.18 -0.83
CA ALA B 116 1.06 11.05 -1.93
C ALA B 116 -0.05 12.07 -2.19
N CYS B 117 0.35 13.34 -2.30
CA CYS B 117 -0.59 14.45 -2.38
CA CYS B 117 -0.57 14.47 -2.34
C CYS B 117 -0.17 15.42 -3.47
N TYR B 118 -1.17 16.00 -4.12
CA TYR B 118 -0.91 16.98 -5.17
C TYR B 118 -1.87 18.13 -4.95
N ASN B 119 -1.33 19.34 -4.78
CA ASN B 119 -2.15 20.53 -4.61
C ASN B 119 -3.04 20.43 -3.38
N GLY B 120 -2.51 19.84 -2.31
CA GLY B 120 -3.28 19.65 -1.11
C GLY B 120 -4.25 18.49 -1.15
N SER B 121 -4.33 17.75 -2.26
CA SER B 121 -5.32 16.71 -2.42
CA SER B 121 -5.33 16.70 -2.44
C SER B 121 -4.65 15.34 -2.39
N PRO B 122 -4.97 14.48 -1.43
CA PRO B 122 -4.38 13.13 -1.38
C PRO B 122 -4.73 12.33 -2.63
N SER B 123 -3.73 11.67 -3.21
CA SER B 123 -3.93 10.86 -4.41
CA SER B 123 -3.96 10.85 -4.40
C SER B 123 -3.74 9.36 -4.18
N GLY B 124 -2.89 8.95 -3.25
CA GLY B 124 -2.66 7.52 -3.05
C GLY B 124 -1.83 7.29 -1.81
N VAL B 125 -1.84 6.04 -1.34
CA VAL B 125 -1.08 5.68 -0.15
C VAL B 125 -0.34 4.37 -0.40
N TYR B 126 0.92 4.30 0.04
CA TYR B 126 1.74 3.12 -0.16
C TYR B 126 2.81 3.05 0.92
N GLN B 127 3.41 1.85 1.06
CA GLN B 127 4.43 1.59 2.07
CA GLN B 127 4.43 1.62 2.07
C GLN B 127 5.82 1.83 1.48
N CYS B 128 6.70 2.45 2.28
CA CYS B 128 8.08 2.76 1.90
C CYS B 128 9.01 2.28 2.99
N ALA B 129 10.26 2.01 2.65
CA ALA B 129 11.30 1.80 3.64
C ALA B 129 12.36 2.87 3.49
N MET B 130 12.90 3.34 4.61
CA MET B 130 14.03 4.25 4.56
C MET B 130 15.26 3.41 4.17
N ARG B 131 15.91 3.72 3.04
CA ARG B 131 17.09 2.96 2.65
C ARG B 131 18.30 3.31 3.53
N PRO B 132 19.30 2.42 3.61
CA PRO B 132 20.53 2.77 4.32
C PRO B 132 21.24 4.00 3.76
N ASN B 133 21.03 4.35 2.50
CA ASN B 133 21.61 5.57 1.96
C ASN B 133 20.69 6.76 2.14
N PHE B 134 19.63 6.63 2.95
CA PHE B 134 18.74 7.71 3.33
C PHE B 134 17.91 8.24 2.18
N THR B 135 17.70 7.41 1.16
CA THR B 135 16.67 7.69 0.18
C THR B 135 15.51 6.75 0.41
N ILE B 136 14.39 7.06 -0.21
CA ILE B 136 13.25 6.15 -0.29
C ILE B 136 12.92 5.90 -1.75
N LYS B 137 12.60 4.65 -2.06
CA LYS B 137 12.15 4.26 -3.39
C LYS B 137 10.64 4.46 -3.41
N GLY B 138 10.24 5.72 -3.54
CA GLY B 138 8.84 6.10 -3.51
C GLY B 138 8.25 6.13 -4.89
N SER B 139 7.08 6.72 -4.97
CA SER B 139 6.43 6.97 -6.26
C SER B 139 5.86 8.37 -6.17
N PHE B 140 6.53 9.32 -6.81
CA PHE B 140 6.21 10.74 -6.64
C PHE B 140 6.33 11.46 -7.97
N LEU B 141 5.37 12.33 -8.26
CA LEU B 141 5.39 13.19 -9.43
C LEU B 141 5.65 14.63 -9.00
N ASN B 142 5.83 15.52 -10.00
CA ASN B 142 5.80 16.95 -9.73
C ASN B 142 4.54 17.31 -8.96
N GLY B 143 4.68 18.21 -7.98
CA GLY B 143 3.56 18.63 -7.15
C GLY B 143 3.42 17.86 -5.85
N SER B 144 4.31 16.88 -5.62
CA SER B 144 4.27 16.00 -4.46
C SER B 144 5.05 16.54 -3.28
N CYS B 145 5.87 17.57 -3.48
CA CYS B 145 6.65 18.16 -2.40
C CYS B 145 5.75 18.46 -1.21
N GLY B 146 6.20 18.01 -0.03
CA GLY B 146 5.43 18.23 1.18
C GLY B 146 4.54 17.07 1.57
N SER B 147 4.37 16.06 0.72
CA SER B 147 3.68 14.83 1.15
C SER B 147 4.40 14.23 2.35
N VAL B 148 3.66 13.52 3.22
CA VAL B 148 4.29 13.06 4.45
C VAL B 148 4.22 11.55 4.57
N GLY B 149 5.16 11.02 5.36
CA GLY B 149 5.19 9.61 5.72
C GLY B 149 4.93 9.46 7.21
N PHE B 150 4.33 8.34 7.60
CA PHE B 150 3.82 8.21 8.95
C PHE B 150 3.62 6.74 9.28
N ASN B 151 3.57 6.48 10.57
CA ASN B 151 3.10 5.24 11.15
C ASN B 151 1.95 5.56 12.09
N ILE B 152 1.07 4.60 12.31
CA ILE B 152 -0.01 4.79 13.27
C ILE B 152 0.09 3.68 14.30
N ASP B 153 0.35 4.04 15.55
CA ASP B 153 0.39 3.10 16.68
C ASP B 153 -0.79 3.39 17.57
N TYR B 154 -1.72 2.44 17.64
CA TYR B 154 -2.97 2.58 18.39
C TYR B 154 -3.81 3.68 17.77
N ASP B 155 -3.84 4.88 18.34
CA ASP B 155 -4.55 5.94 17.63
C ASP B 155 -3.67 7.17 17.46
N CYS B 156 -2.37 7.01 17.65
CA CYS B 156 -1.41 8.11 17.54
C CYS B 156 -0.70 8.02 16.21
N VAL B 157 -0.70 9.12 15.47
CA VAL B 157 0.04 9.20 14.20
C VAL B 157 1.44 9.71 14.49
N SER B 158 2.45 8.88 14.21
CA SER B 158 3.85 9.30 14.31
C SER B 158 4.33 9.74 12.93
N PHE B 159 4.47 11.05 12.74
CA PHE B 159 4.97 11.57 11.48
C PHE B 159 6.48 11.45 11.45
N CYS B 160 7.02 10.86 10.37
CA CYS B 160 8.46 10.63 10.27
C CYS B 160 9.12 11.18 9.01
N TYR B 161 8.36 11.56 7.98
CA TYR B 161 8.96 11.94 6.71
C TYR B 161 8.14 13.06 6.09
N MET B 162 8.82 14.06 5.54
CA MET B 162 8.16 15.02 4.67
C MET B 162 8.95 15.07 3.36
N HIS B 163 8.26 14.85 2.24
CA HIS B 163 8.93 14.69 0.96
C HIS B 163 9.47 16.03 0.45
N HIS B 164 10.74 16.08 0.06
CA HIS B 164 11.26 17.29 -0.56
C HIS B 164 11.55 17.15 -2.04
N MET B 165 12.32 16.13 -2.45
CA MET B 165 12.87 16.19 -3.80
C MET B 165 13.25 14.82 -4.36
N VAL B 166 13.30 14.79 -5.70
CA VAL B 166 13.71 13.61 -6.47
C VAL B 166 15.19 13.73 -6.82
N LEU B 167 15.91 12.63 -6.69
CA LEU B 167 17.34 12.57 -7.04
C LEU B 167 17.52 12.12 -8.48
N PRO B 168 18.72 12.34 -9.06
CA PRO B 168 18.95 11.88 -10.45
C PRO B 168 18.56 10.43 -10.70
N THR B 169 18.80 9.51 -9.75
CA THR B 169 18.44 8.13 -10.02
C THR B 169 16.93 7.87 -9.95
N GLY B 170 16.13 8.88 -9.62
CA GLY B 170 14.70 8.71 -9.51
C GLY B 170 14.21 8.33 -8.13
N VAL B 171 15.12 8.12 -7.16
CA VAL B 171 14.71 7.89 -5.78
C VAL B 171 14.47 9.25 -5.13
N HIS B 172 14.07 9.23 -3.86
CA HIS B 172 13.48 10.42 -3.27
C HIS B 172 14.13 10.74 -1.94
N ALA B 173 14.11 12.02 -1.59
CA ALA B 173 14.79 12.52 -0.41
C ALA B 173 13.91 13.55 0.30
N GLY B 174 14.06 13.60 1.61
CA GLY B 174 13.27 14.54 2.40
C GLY B 174 13.74 14.56 3.83
N THR B 175 12.91 15.14 4.68
CA THR B 175 13.29 15.47 6.05
C THR B 175 12.35 14.81 7.05
N ASP B 176 12.70 14.93 8.34
CA ASP B 176 11.71 14.67 9.37
C ASP B 176 10.84 15.92 9.54
N LEU B 177 9.87 15.86 10.45
CA LEU B 177 8.97 16.99 10.61
C LEU B 177 9.59 18.12 11.40
N GLU B 178 10.84 17.99 11.83
CA GLU B 178 11.61 19.11 12.34
C GLU B 178 12.50 19.73 11.28
N GLY B 179 12.37 19.27 10.03
CA GLY B 179 13.10 19.87 8.95
C GLY B 179 14.52 19.40 8.77
N ASN B 180 14.96 18.36 9.47
CA ASN B 180 16.31 17.83 9.33
C ASN B 180 16.31 16.74 8.26
N PHE B 181 17.10 16.94 7.21
CA PHE B 181 17.12 15.98 6.12
C PHE B 181 17.56 14.61 6.64
N TYR B 182 17.01 13.57 6.04
CA TYR B 182 17.60 12.25 6.11
C TYR B 182 18.72 12.22 5.10
N GLY B 183 19.94 11.92 5.55
CA GLY B 183 21.06 11.85 4.65
C GLY B 183 21.72 13.20 4.38
N PRO B 184 22.71 13.19 3.46
CA PRO B 184 23.54 14.38 3.24
C PRO B 184 22.96 15.40 2.28
N PHE B 185 21.64 15.42 2.11
CA PHE B 185 21.04 16.24 1.10
C PHE B 185 20.75 17.65 1.65
N VAL B 186 20.62 18.60 0.74
CA VAL B 186 20.25 19.97 1.07
C VAL B 186 19.13 20.37 0.12
N ASP B 187 18.29 21.34 0.56
CA ASP B 187 17.13 21.74 -0.25
C ASP B 187 17.51 22.83 -1.25
N ARG B 188 18.30 22.41 -2.23
CA ARG B 188 18.63 23.17 -3.43
C ARG B 188 18.24 22.32 -4.63
N GLN B 189 17.78 22.96 -5.71
CA GLN B 189 17.51 22.24 -6.95
C GLN B 189 18.83 21.99 -7.69
N THR B 190 19.59 21.04 -7.15
CA THR B 190 20.82 20.56 -7.76
C THR B 190 20.80 19.04 -7.80
N ALA B 191 21.60 18.48 -8.71
CA ALA B 191 21.74 17.03 -8.84
C ALA B 191 22.62 16.54 -7.72
N GLN B 192 22.00 15.97 -6.69
CA GLN B 192 22.72 15.37 -5.57
C GLN B 192 22.63 13.85 -5.68
N ALA B 193 23.76 13.19 -5.57
CA ALA B 193 23.82 11.75 -5.76
C ALA B 193 23.67 11.05 -4.42
N ALA B 194 22.85 10.01 -4.39
CA ALA B 194 22.77 9.18 -3.21
C ALA B 194 23.97 8.27 -3.15
N GLY B 195 24.48 8.02 -1.95
CA GLY B 195 25.54 7.05 -1.77
C GLY B 195 25.09 5.65 -2.17
N THR B 196 26.08 4.74 -2.23
CA THR B 196 25.77 3.36 -2.59
C THR B 196 24.86 2.74 -1.54
N ASP B 197 23.82 2.07 -1.99
CA ASP B 197 22.88 1.48 -1.05
C ASP B 197 23.36 0.10 -0.61
N THR B 198 22.77 -0.38 0.47
CA THR B 198 23.10 -1.69 1.03
C THR B 198 21.79 -2.37 1.39
N THR B 199 21.89 -3.65 1.72
CA THR B 199 20.71 -4.44 2.08
C THR B 199 20.43 -4.29 3.56
N ILE B 200 19.15 -4.17 3.90
CA ILE B 200 18.74 -3.97 5.32
C ILE B 200 18.72 -5.32 6.01
N THR B 201 19.80 -5.65 6.69
CA THR B 201 19.98 -6.97 7.31
C THR B 201 18.88 -7.31 8.31
N VAL B 202 18.52 -6.36 9.17
CA VAL B 202 17.51 -6.66 10.19
C VAL B 202 16.19 -7.08 9.54
N ASN B 203 15.86 -6.47 8.39
CA ASN B 203 14.60 -6.81 7.73
C ASN B 203 14.68 -8.14 7.00
N VAL B 204 15.83 -8.45 6.40
CA VAL B 204 16.01 -9.80 5.85
C VAL B 204 15.86 -10.85 6.95
N LEU B 205 16.43 -10.59 8.12
CA LEU B 205 16.24 -11.53 9.22
C LEU B 205 14.76 -11.69 9.57
N ALA B 206 14.03 -10.57 9.63
CA ALA B 206 12.59 -10.64 9.90
C ALA B 206 11.88 -11.52 8.88
N TRP B 207 12.27 -11.37 7.61
CA TRP B 207 11.71 -12.16 6.52
C TRP B 207 12.00 -13.64 6.71
N LEU B 208 13.22 -13.98 7.13
CA LEU B 208 13.53 -15.39 7.39
C LEU B 208 12.69 -15.93 8.55
N TYR B 209 12.47 -15.12 9.59
CA TYR B 209 11.57 -15.53 10.67
C TYR B 209 10.15 -15.75 10.16
N ALA B 210 9.69 -14.86 9.28
CA ALA B 210 8.38 -15.02 8.68
C ALA B 210 8.29 -16.32 7.89
N ALA B 211 9.36 -16.66 7.17
CA ALA B 211 9.37 -17.94 6.46
C ALA B 211 9.27 -19.11 7.43
N VAL B 212 10.01 -19.05 8.54
CA VAL B 212 9.97 -20.11 9.54
C VAL B 212 8.56 -20.21 10.12
N ILE B 213 7.95 -19.08 10.45
CA ILE B 213 6.59 -19.08 11.01
C ILE B 213 5.62 -19.82 10.10
N ASN B 214 5.83 -19.73 8.79
CA ASN B 214 4.95 -20.35 7.83
C ASN B 214 5.45 -21.72 7.38
N GLY B 215 6.39 -22.31 8.12
CA GLY B 215 6.81 -23.68 7.86
C GLY B 215 7.89 -23.85 6.82
N ASP B 216 8.46 -22.76 6.30
CA ASP B 216 9.51 -22.82 5.29
C ASP B 216 10.82 -22.59 6.01
N ARG B 217 11.57 -23.67 6.29
CA ARG B 217 12.73 -23.53 7.17
C ARG B 217 13.92 -24.37 6.72
N TRP B 218 14.03 -24.67 5.42
CA TRP B 218 15.16 -25.47 4.94
C TRP B 218 16.49 -24.81 5.22
N PHE B 219 16.53 -23.49 5.30
CA PHE B 219 17.76 -22.71 5.42
C PHE B 219 18.32 -22.65 6.84
N LEU B 220 17.64 -23.23 7.83
CA LEU B 220 18.16 -23.21 9.19
C LEU B 220 19.33 -24.18 9.27
N ASN B 221 20.54 -23.67 9.52
CA ASN B 221 21.68 -24.55 9.67
C ASN B 221 21.89 -24.86 11.15
N ARG B 222 22.91 -25.67 11.42
CA ARG B 222 23.19 -26.15 12.78
C ARG B 222 24.17 -25.27 13.53
N PHE B 223 24.58 -24.13 12.96
CA PHE B 223 25.61 -23.27 13.52
C PHE B 223 25.03 -22.03 14.19
N THR B 224 25.92 -21.33 14.90
CA THR B 224 25.67 -20.00 15.41
C THR B 224 26.90 -19.13 15.12
N THR B 225 26.81 -17.88 15.54
CA THR B 225 27.86 -16.91 15.27
C THR B 225 27.85 -15.89 16.39
N THR B 226 28.93 -15.13 16.51
CA THR B 226 28.88 -13.93 17.32
C THR B 226 28.36 -12.79 16.46
N LEU B 227 27.87 -11.75 17.15
CA LEU B 227 27.39 -10.57 16.45
C LEU B 227 28.53 -9.87 15.71
N ASN B 228 29.69 -9.80 16.35
CA ASN B 228 30.82 -9.14 15.69
C ASN B 228 31.24 -9.89 14.43
N ASP B 229 31.36 -11.22 14.49
CA ASP B 229 31.72 -12.00 13.30
CA ASP B 229 31.75 -11.94 13.29
C ASP B 229 30.69 -11.82 12.20
N PHE B 230 29.41 -11.87 12.56
CA PHE B 230 28.38 -11.70 11.54
C PHE B 230 28.46 -10.33 10.88
N ASN B 231 28.68 -9.29 11.67
CA ASN B 231 28.73 -7.92 11.11
C ASN B 231 29.87 -7.82 10.09
N LEU B 232 31.01 -8.42 10.42
CA LEU B 232 32.16 -8.29 9.52
C LEU B 232 31.89 -9.01 8.21
N VAL B 233 31.25 -10.17 8.27
CA VAL B 233 30.92 -10.89 7.04
C VAL B 233 29.89 -10.11 6.26
N ALA B 234 28.86 -9.61 6.95
CA ALA B 234 27.73 -8.95 6.27
C ALA B 234 28.21 -7.81 5.41
N MET B 235 29.16 -7.01 5.91
CA MET B 235 29.65 -5.86 5.16
C MET B 235 30.34 -6.28 3.87
N LYS B 236 30.95 -7.46 3.85
CA LYS B 236 31.60 -7.94 2.63
C LYS B 236 30.60 -8.35 1.57
N TYR B 237 29.32 -8.53 1.94
CA TYR B 237 28.27 -8.79 0.97
C TYR B 237 27.31 -7.60 0.82
N ASN B 238 27.76 -6.40 1.20
CA ASN B 238 26.98 -5.17 1.08
C ASN B 238 25.66 -5.24 1.84
N TYR B 239 25.68 -5.97 2.96
CA TYR B 239 24.62 -5.98 3.97
C TYR B 239 25.02 -5.04 5.10
N GLU B 240 23.99 -4.44 5.68
CA GLU B 240 24.25 -3.49 6.79
C GLU B 240 24.62 -4.26 8.05
N PRO B 241 25.55 -3.76 8.87
CA PRO B 241 25.78 -4.38 10.18
C PRO B 241 24.57 -4.22 11.08
N LEU B 242 24.40 -5.18 12.00
CA LEU B 242 23.33 -5.09 12.98
C LEU B 242 23.74 -4.24 14.17
N THR B 243 22.77 -3.50 14.71
CA THR B 243 22.93 -2.78 15.96
C THR B 243 22.29 -3.58 17.11
N GLN B 244 22.59 -3.13 18.33
CA GLN B 244 21.94 -3.72 19.48
C GLN B 244 20.42 -3.50 19.42
N ASP B 245 19.99 -2.35 18.89
CA ASP B 245 18.53 -2.12 18.74
C ASP B 245 17.92 -3.11 17.74
N HIS B 246 18.66 -3.43 16.68
CA HIS B 246 18.20 -4.43 15.71
C HIS B 246 18.01 -5.78 16.38
N VAL B 247 19.00 -6.23 17.15
CA VAL B 247 18.85 -7.50 17.85
C VAL B 247 17.63 -7.47 18.74
N ASP B 248 17.39 -6.35 19.38
CA ASP B 248 16.25 -6.27 20.33
C ASP B 248 14.90 -6.26 19.59
N ILE B 249 14.80 -5.58 18.43
CA ILE B 249 13.51 -5.63 17.76
C ILE B 249 13.23 -6.98 17.10
N LEU B 250 14.25 -7.83 16.95
CA LEU B 250 14.04 -9.21 16.52
C LEU B 250 13.59 -10.12 17.65
N GLY B 251 13.56 -9.63 18.88
CA GLY B 251 13.22 -10.41 20.04
C GLY B 251 11.89 -11.15 19.96
N PRO B 252 10.79 -10.43 19.69
CA PRO B 252 9.49 -11.11 19.63
C PRO B 252 9.45 -12.25 18.61
N LEU B 253 10.04 -12.07 17.42
CA LEU B 253 10.07 -13.15 16.42
C LEU B 253 10.95 -14.29 16.89
N SER B 254 12.08 -13.98 17.51
CA SER B 254 12.94 -15.03 18.04
C SER B 254 12.19 -15.85 19.09
N ALA B 255 11.38 -15.19 19.93
CA ALA B 255 10.63 -15.90 20.97
C ALA B 255 9.48 -16.70 20.37
N GLN B 256 8.82 -16.14 19.35
CA GLN B 256 7.73 -16.85 18.68
C GLN B 256 8.21 -18.14 18.02
N THR B 257 9.41 -18.12 17.44
CA THR B 257 9.92 -19.28 16.72
C THR B 257 10.86 -20.13 17.56
N GLY B 258 11.35 -19.62 18.68
CA GLY B 258 12.37 -20.33 19.42
C GLY B 258 13.73 -20.40 18.74
N ILE B 259 13.96 -19.62 17.69
CA ILE B 259 15.24 -19.56 16.98
C ILE B 259 15.98 -18.32 17.47
N ALA B 260 17.10 -18.53 18.15
CA ALA B 260 17.94 -17.44 18.64
C ALA B 260 18.33 -16.50 17.51
N VAL B 261 18.42 -15.20 17.82
CA VAL B 261 18.78 -14.22 16.80
C VAL B 261 20.12 -14.59 16.15
N LEU B 262 21.11 -14.98 16.97
CA LEU B 262 22.44 -15.26 16.42
C LEU B 262 22.44 -16.55 15.60
N ASP B 263 21.57 -17.51 15.94
CA ASP B 263 21.40 -18.68 15.07
C ASP B 263 20.82 -18.28 13.72
N MET B 264 19.85 -17.37 13.70
CA MET B 264 19.36 -16.93 12.41
C MET B 264 20.41 -16.12 11.65
N CYS B 265 21.25 -15.35 12.35
CA CYS B 265 22.35 -14.69 11.63
C CYS B 265 23.28 -15.72 10.99
N ALA B 266 23.57 -16.81 11.71
CA ALA B 266 24.38 -17.87 11.12
C ALA B 266 23.71 -18.46 9.88
N SER B 267 22.38 -18.58 9.90
CA SER B 267 21.69 -19.11 8.73
C SER B 267 21.76 -18.14 7.56
N LEU B 268 21.60 -16.85 7.84
CA LEU B 268 21.71 -15.86 6.77
C LEU B 268 23.14 -15.80 6.22
N LYS B 269 24.14 -15.86 7.10
CA LYS B 269 25.52 -15.91 6.65
C LYS B 269 25.74 -17.04 5.64
N GLU B 270 25.17 -18.22 5.90
CA GLU B 270 25.34 -19.34 4.99
CA GLU B 270 25.34 -19.34 4.99
C GLU B 270 24.68 -19.08 3.64
N LEU B 271 23.50 -18.45 3.65
CA LEU B 271 22.87 -18.09 2.38
C LEU B 271 23.74 -17.10 1.61
N LEU B 272 24.32 -16.12 2.31
CA LEU B 272 25.21 -15.16 1.66
C LEU B 272 26.41 -15.86 1.02
N GLN B 273 27.03 -16.77 1.74
CA GLN B 273 28.25 -17.39 1.25
C GLN B 273 27.98 -18.45 0.18
N ASN B 274 26.84 -19.16 0.26
CA ASN B 274 26.54 -20.23 -0.67
C ASN B 274 25.45 -19.90 -1.68
N GLY B 275 24.55 -18.97 -1.39
CA GLY B 275 23.43 -18.72 -2.27
C GLY B 275 22.25 -19.62 -1.99
N MET B 276 21.23 -19.50 -2.84
CA MET B 276 20.02 -20.29 -2.67
C MET B 276 20.11 -21.65 -3.34
N ASN B 277 21.09 -21.85 -4.23
CA ASN B 277 21.26 -23.12 -4.96
C ASN B 277 19.93 -23.56 -5.58
N GLY B 278 19.36 -22.66 -6.38
CA GLY B 278 18.16 -22.95 -7.14
C GLY B 278 16.89 -23.08 -6.34
N ARG B 279 16.92 -22.80 -5.05
CA ARG B 279 15.79 -23.06 -4.17
C ARG B 279 15.24 -21.73 -3.67
N THR B 280 14.05 -21.74 -3.09
CA THR B 280 13.35 -20.49 -2.80
C THR B 280 12.89 -20.44 -1.35
N ILE B 281 12.58 -19.23 -0.91
CA ILE B 281 12.15 -18.94 0.45
C ILE B 281 10.90 -18.08 0.36
N LEU B 282 9.79 -18.58 0.90
CA LEU B 282 8.48 -17.95 0.74
C LEU B 282 8.16 -17.76 -0.74
N GLY B 283 8.58 -18.72 -1.56
CA GLY B 283 8.29 -18.74 -2.98
C GLY B 283 9.16 -17.85 -3.83
N SER B 284 10.10 -17.12 -3.24
CA SER B 284 10.93 -16.20 -3.99
C SER B 284 12.39 -16.59 -3.86
N ALA B 285 13.15 -16.36 -4.93
CA ALA B 285 14.59 -16.53 -4.88
C ALA B 285 15.31 -15.26 -4.42
N LEU B 286 14.59 -14.15 -4.28
CA LEU B 286 15.14 -12.92 -3.72
C LEU B 286 14.86 -12.87 -2.23
N LEU B 287 15.81 -12.35 -1.46
CA LEU B 287 15.56 -12.05 -0.05
C LEU B 287 14.96 -10.66 0.06
N GLU B 288 13.80 -10.57 0.72
CA GLU B 288 13.10 -9.30 0.84
C GLU B 288 13.71 -8.51 2.00
N ASP B 289 13.96 -7.18 1.80
CA ASP B 289 14.50 -6.38 2.90
C ASP B 289 13.67 -5.16 3.26
N GLU B 290 12.39 -5.08 2.86
CA GLU B 290 11.57 -3.94 3.24
C GLU B 290 10.36 -4.34 4.09
N PHE B 291 10.43 -5.48 4.79
CA PHE B 291 9.49 -5.81 5.86
C PHE B 291 10.24 -5.79 7.18
N THR B 292 9.84 -4.88 8.08
CA THR B 292 10.42 -4.83 9.40
C THR B 292 9.90 -5.98 10.27
N PRO B 293 10.55 -6.22 11.42
CA PRO B 293 10.00 -7.21 12.35
C PRO B 293 8.55 -6.91 12.76
N PHE B 294 8.21 -5.64 12.91
CA PHE B 294 6.83 -5.28 13.24
C PHE B 294 5.89 -5.60 12.08
N ASP B 295 6.30 -5.25 10.85
CA ASP B 295 5.49 -5.63 9.68
C ASP B 295 5.20 -7.12 9.67
N VAL B 296 6.22 -7.95 9.95
CA VAL B 296 6.02 -9.41 9.95
C VAL B 296 4.96 -9.82 10.96
N VAL B 297 5.09 -9.38 12.21
CA VAL B 297 4.08 -9.73 13.22
C VAL B 297 2.71 -9.16 12.83
N ARG B 298 2.69 -7.96 12.26
CA ARG B 298 1.44 -7.34 11.84
CA ARG B 298 1.43 -7.36 11.84
C ARG B 298 0.73 -8.20 10.80
N GLN B 299 1.47 -8.84 9.91
CA GLN B 299 0.85 -9.62 8.84
C GLN B 299 0.70 -11.10 9.17
N CYS B 300 1.44 -11.61 10.13
CA CYS B 300 1.23 -12.99 10.52
C CYS B 300 0.21 -13.10 11.66
N SER B 301 0.21 -12.13 12.58
CA SER B 301 -0.46 -12.25 13.88
C SER B 301 -1.49 -11.18 14.16
N GLY B 302 -1.39 -10.00 13.56
CA GLY B 302 -2.37 -8.94 13.77
C GLY B 302 -1.95 -7.89 14.75
#